data_3OMV
#
_entry.id   3OMV
#
_cell.length_a   99.570
_cell.length_b   99.570
_cell.length_c   161.422
_cell.angle_alpha   90.00
_cell.angle_beta   90.00
_cell.angle_gamma   90.00
#
_symmetry.space_group_name_H-M   'P 41 21 2'
#
loop_
_entity.id
_entity.type
_entity.pdbx_description
1 polymer 'RAF proto-oncogene serine/threonine-protein kinase'
2 non-polymer '(1E)-5-(1-piperidin-4-yl-3-pyridin-4-yl-1H-pyrazol-4-yl)-2,3-dihydro-1H-inden-1-one oxime'
#
_entity_poly.entity_id   1
_entity_poly.type   'polypeptide(L)'
_entity_poly.pdbx_seq_one_letter_code
;MDRGSHHHHHHGTQEKNKIRPRGQRDSSYYWEIEASEVMLSTRIGSGSFGTVYKGKWHGDVAVKILKVVDPTPEQFQAFR
NEVAVLRKTRHVNILLFMGYMTKDNLAIVTQWCEGSSLYKHLHVQETKFQMFQLIDIARQTAQGMDYLHAKNIIHRDMKS
NNIFLHEGLTVKIGDFGLATVKSRWSGSQQVEQPTGSVLWMAPEVIRMQDNNPFSFQSDVYSYGIVLYELMTGELPYSHI
NNRDQIIFMVGRGYASPDLSKLYKNCPKAMKRLVADCVKKVKEERPLFPQILSSIELLQHSLPKINR
;
_entity_poly.pdbx_strand_id   A,B
#
loop_
_chem_comp.id
_chem_comp.type
_chem_comp.name
_chem_comp.formula
SM5 non-polymer '(1E)-5-(1-piperidin-4-yl-3-pyridin-4-yl-1H-pyrazol-4-yl)-2,3-dihydro-1H-inden-1-one oxime' 'C22 H23 N5 O'
#
# COMPACT_ATOMS: atom_id res chain seq x y z
N TYR A 29 -11.72 -13.09 -1.68
CA TYR A 29 -11.10 -14.44 -1.73
C TYR A 29 -10.36 -14.60 -3.06
N TYR A 30 -11.05 -15.13 -4.06
CA TYR A 30 -10.51 -15.20 -5.42
C TYR A 30 -10.44 -13.78 -5.97
N TRP A 31 -9.22 -13.34 -6.24
CA TRP A 31 -8.98 -11.95 -6.65
C TRP A 31 -9.41 -11.70 -8.09
N GLU A 32 -10.41 -12.45 -8.54
CA GLU A 32 -10.98 -12.25 -9.85
C GLU A 32 -12.00 -11.12 -9.80
N ILE A 33 -11.69 -10.05 -10.51
CA ILE A 33 -12.61 -8.94 -10.66
C ILE A 33 -13.68 -9.31 -11.69
N GLU A 34 -14.93 -9.31 -11.24
CA GLU A 34 -16.08 -9.58 -12.10
C GLU A 34 -16.00 -8.69 -13.33
N ALA A 35 -16.12 -9.30 -14.50
CA ALA A 35 -15.94 -8.61 -15.77
C ALA A 35 -16.71 -7.30 -15.87
N SER A 36 -16.10 -6.31 -16.53
CA SER A 36 -16.68 -4.98 -16.78
C SER A 36 -16.73 -4.00 -15.59
N GLU A 37 -16.28 -4.45 -14.43
CA GLU A 37 -16.13 -3.57 -13.26
C GLU A 37 -14.92 -2.67 -13.47
N VAL A 38 -13.93 -3.18 -14.20
CA VAL A 38 -12.75 -2.41 -14.57
C VAL A 38 -13.09 -1.36 -15.63
N MET A 39 -12.15 -0.44 -15.83
CA MET A 39 -12.27 0.61 -16.83
C MET A 39 -10.83 0.86 -17.26
N LEU A 40 -10.63 1.38 -18.48
CA LEU A 40 -9.27 1.57 -18.97
C LEU A 40 -9.12 2.81 -19.85
N SER A 41 -8.30 3.75 -19.37
CA SER A 41 -8.03 5.00 -20.07
C SER A 41 -6.90 4.82 -21.07
N THR A 42 -6.14 5.89 -21.34
CA THR A 42 -5.04 5.85 -22.30
C THR A 42 -3.93 4.90 -21.86
N ARG A 43 -3.08 4.56 -22.82
CA ARG A 43 -1.98 3.66 -22.60
C ARG A 43 -0.89 4.33 -21.77
N ILE A 44 0.00 3.50 -21.23
CA ILE A 44 1.11 3.97 -20.40
C ILE A 44 2.44 3.47 -20.98
N GLY A 45 2.38 2.40 -21.76
CA GLY A 45 3.56 1.82 -22.40
C GLY A 45 3.35 0.38 -22.80
N SER A 46 4.27 -0.49 -22.38
CA SER A 46 4.18 -1.93 -22.64
C SER A 46 5.07 -2.70 -21.68
N GLY A 47 5.43 -3.92 -22.06
CA GLY A 47 6.36 -4.76 -21.31
C GLY A 47 5.68 -5.80 -20.43
N SER A 48 6.44 -6.86 -20.10
CA SER A 48 6.05 -7.88 -19.13
C SER A 48 4.90 -8.78 -19.58
N PHE A 49 4.61 -8.74 -20.88
CA PHE A 49 3.64 -9.61 -21.56
C PHE A 49 2.27 -8.96 -21.82
N GLY A 50 2.24 -7.65 -22.02
CA GLY A 50 0.99 -6.99 -22.31
C GLY A 50 1.08 -5.51 -22.63
N THR A 51 0.23 -4.73 -21.96
CA THR A 51 0.12 -3.30 -22.18
C THR A 51 -0.44 -2.64 -20.91
N VAL A 52 0.16 -1.51 -20.54
CA VAL A 52 -0.16 -0.85 -19.28
C VAL A 52 -1.16 0.30 -19.47
N TYR A 53 -2.15 0.36 -18.58
CA TYR A 53 -3.15 1.41 -18.64
C TYR A 53 -3.45 2.00 -17.27
N LYS A 54 -3.80 3.28 -17.27
CA LYS A 54 -4.42 3.91 -16.11
C LYS A 54 -5.91 3.60 -16.23
N GLY A 55 -6.47 2.98 -15.19
CA GLY A 55 -7.87 2.60 -15.21
C GLY A 55 -8.67 3.09 -14.02
N LYS A 56 -9.85 2.51 -13.84
CA LYS A 56 -10.69 2.80 -12.69
C LYS A 56 -11.35 1.54 -12.15
N TRP A 57 -11.26 1.38 -10.83
CA TRP A 57 -11.88 0.27 -10.11
C TRP A 57 -11.80 0.61 -8.63
N HIS A 58 -12.93 1.05 -8.06
CA HIS A 58 -12.97 1.62 -6.71
C HIS A 58 -11.94 2.75 -6.54
N GLY A 59 -11.54 3.35 -7.66
CA GLY A 59 -10.49 4.35 -7.70
C GLY A 59 -9.47 4.04 -8.78
N ASP A 60 -8.45 4.90 -8.88
CA ASP A 60 -7.39 4.75 -9.87
C ASP A 60 -6.58 3.47 -9.67
N VAL A 61 -6.30 2.79 -10.77
CA VAL A 61 -5.59 1.52 -10.74
C VAL A 61 -4.75 1.29 -12.01
N ALA A 62 -3.57 0.72 -11.84
CA ALA A 62 -2.72 0.35 -12.95
C ALA A 62 -3.15 -1.01 -13.46
N VAL A 63 -3.37 -1.10 -14.77
CA VAL A 63 -3.92 -2.31 -15.39
C VAL A 63 -3.03 -2.84 -16.50
N LYS A 64 -2.67 -4.12 -16.40
CA LYS A 64 -1.93 -4.80 -17.46
C LYS A 64 -2.86 -5.77 -18.19
N ILE A 65 -3.17 -5.46 -19.45
CA ILE A 65 -4.10 -6.25 -20.24
C ILE A 65 -3.32 -7.05 -21.30
N LEU A 66 -3.97 -8.05 -21.90
CA LEU A 66 -3.33 -8.91 -22.90
C LEU A 66 -3.36 -8.27 -24.30
N LYS A 67 -4.46 -7.61 -24.63
CA LYS A 67 -4.69 -7.00 -25.96
C LYS A 67 -4.92 -8.04 -27.06
N VAL A 68 -4.41 -9.26 -26.86
CA VAL A 68 -4.53 -10.35 -27.83
C VAL A 68 -5.94 -10.93 -27.82
N VAL A 69 -6.46 -11.23 -29.01
CA VAL A 69 -7.83 -11.72 -29.21
C VAL A 69 -8.01 -13.18 -28.74
N ASP A 70 -7.06 -14.04 -29.09
CA ASP A 70 -7.07 -15.44 -28.68
C ASP A 70 -5.84 -15.79 -27.84
N PRO A 71 -6.04 -16.17 -26.57
CA PRO A 71 -4.91 -16.37 -25.65
C PRO A 71 -4.11 -17.68 -25.86
N THR A 72 -2.78 -17.56 -25.82
CA THR A 72 -1.86 -18.67 -26.06
C THR A 72 -1.74 -19.57 -24.83
N PRO A 73 -1.70 -20.91 -25.05
CA PRO A 73 -1.47 -21.89 -23.99
C PRO A 73 -0.15 -21.70 -23.23
N GLU A 74 0.85 -21.11 -23.88
CA GLU A 74 2.10 -20.77 -23.20
C GLU A 74 1.96 -19.45 -22.42
N GLN A 75 1.13 -18.54 -22.94
CA GLN A 75 0.81 -17.30 -22.24
C GLN A 75 -0.13 -17.58 -21.07
N PHE A 76 -1.09 -18.47 -21.29
CA PHE A 76 -2.04 -18.90 -20.26
C PHE A 76 -1.33 -19.27 -18.97
N GLN A 77 -0.22 -20.00 -19.11
CA GLN A 77 0.56 -20.42 -17.96
C GLN A 77 1.46 -19.29 -17.48
N ALA A 78 1.82 -18.38 -18.37
CA ALA A 78 2.63 -17.21 -18.02
C ALA A 78 1.82 -16.22 -17.18
N PHE A 79 0.53 -16.11 -17.51
CA PHE A 79 -0.40 -15.26 -16.78
C PHE A 79 -0.63 -15.80 -15.37
N ARG A 80 -0.99 -17.08 -15.30
CA ARG A 80 -1.40 -17.71 -14.04
C ARG A 80 -0.25 -17.81 -13.05
N ASN A 81 0.97 -17.96 -13.56
CA ASN A 81 2.16 -17.99 -12.73
C ASN A 81 2.52 -16.62 -12.19
N GLU A 82 2.26 -15.60 -12.99
CA GLU A 82 2.42 -14.22 -12.58
C GLU A 82 1.50 -13.89 -11.40
N VAL A 83 0.24 -14.30 -11.51
CA VAL A 83 -0.79 -14.03 -10.49
C VAL A 83 -0.54 -14.84 -9.21
N ALA A 84 -0.03 -16.06 -9.38
CA ALA A 84 0.34 -16.90 -8.24
C ALA A 84 1.45 -16.26 -7.42
N VAL A 85 2.35 -15.55 -8.10
CA VAL A 85 3.44 -14.84 -7.45
C VAL A 85 2.92 -13.62 -6.70
N LEU A 86 2.10 -12.82 -7.38
CA LEU A 86 1.52 -11.61 -6.79
C LEU A 86 0.65 -11.90 -5.57
N ARG A 87 0.02 -13.07 -5.56
CA ARG A 87 -0.85 -13.51 -4.47
C ARG A 87 -0.13 -13.69 -3.13
N LYS A 88 1.19 -13.63 -3.14
CA LYS A 88 1.99 -13.86 -1.93
C LYS A 88 2.73 -12.63 -1.44
N THR A 89 2.48 -11.47 -2.06
CA THR A 89 3.22 -10.25 -1.74
C THR A 89 2.35 -9.10 -1.23
N ARG A 90 1.99 -9.16 0.05
CA ARG A 90 1.36 -8.03 0.73
C ARG A 90 2.46 -7.22 1.42
N HIS A 91 3.02 -6.26 0.69
CA HIS A 91 4.09 -5.41 1.21
C HIS A 91 3.97 -3.98 0.68
N VAL A 92 4.41 -3.03 1.51
CA VAL A 92 4.38 -1.61 1.21
C VAL A 92 5.37 -1.20 0.12
N ASN A 93 6.28 -2.11 -0.24
CA ASN A 93 7.29 -1.84 -1.25
C ASN A 93 7.17 -2.73 -2.49
N ILE A 94 6.13 -3.57 -2.49
CA ILE A 94 5.77 -4.33 -3.67
C ILE A 94 4.46 -3.75 -4.18
N LEU A 95 4.41 -3.48 -5.48
CA LEU A 95 3.21 -2.92 -6.11
C LEU A 95 1.99 -3.74 -5.70
N LEU A 96 1.15 -3.13 -4.87
CA LEU A 96 0.00 -3.80 -4.28
C LEU A 96 -0.92 -4.39 -5.35
N PHE A 97 -0.74 -5.68 -5.59
CA PHE A 97 -1.61 -6.44 -6.48
C PHE A 97 -3.03 -6.41 -5.93
N MET A 98 -3.98 -6.02 -6.77
CA MET A 98 -5.36 -5.81 -6.33
C MET A 98 -6.33 -6.88 -6.85
N GLY A 99 -6.12 -7.35 -8.07
CA GLY A 99 -6.98 -8.36 -8.68
C GLY A 99 -6.60 -8.72 -10.11
N TYR A 100 -7.35 -9.65 -10.70
CA TYR A 100 -7.14 -10.04 -12.10
C TYR A 100 -8.47 -10.19 -12.84
N MET A 101 -8.39 -10.44 -14.15
CA MET A 101 -9.58 -10.64 -14.97
C MET A 101 -9.27 -11.51 -16.20
N THR A 102 -9.89 -12.68 -16.27
CA THR A 102 -9.75 -13.58 -17.41
C THR A 102 -10.79 -13.27 -18.47
N LYS A 103 -12.01 -12.96 -18.01
CA LYS A 103 -13.10 -12.56 -18.91
C LYS A 103 -12.78 -11.24 -19.57
N ASP A 104 -13.06 -11.14 -20.86
CA ASP A 104 -12.81 -9.94 -21.66
C ASP A 104 -11.34 -9.55 -21.60
N ASN A 105 -10.51 -10.30 -22.32
CA ASN A 105 -9.04 -10.18 -22.28
C ASN A 105 -8.44 -10.69 -20.96
N LEU A 106 -7.18 -11.13 -21.00
CA LEU A 106 -6.46 -11.47 -19.78
C LEU A 106 -5.87 -10.20 -19.16
N ALA A 107 -6.18 -9.96 -17.89
CA ALA A 107 -5.82 -8.70 -17.24
C ALA A 107 -5.33 -8.85 -15.80
N ILE A 108 -4.51 -7.90 -15.36
CA ILE A 108 -4.04 -7.82 -13.98
C ILE A 108 -4.13 -6.38 -13.48
N VAL A 109 -4.73 -6.20 -12.31
CA VAL A 109 -4.92 -4.87 -11.73
C VAL A 109 -4.08 -4.68 -10.48
N THR A 110 -3.45 -3.52 -10.37
CA THR A 110 -2.65 -3.16 -9.20
C THR A 110 -2.75 -1.66 -8.94
N GLN A 111 -2.33 -1.24 -7.73
CA GLN A 111 -2.47 0.14 -7.29
C GLN A 111 -1.84 1.14 -8.26
N TRP A 112 -2.52 2.26 -8.47
CA TRP A 112 -1.97 3.34 -9.28
C TRP A 112 -1.02 4.18 -8.46
N CYS A 113 0.06 4.62 -9.11
CA CYS A 113 1.05 5.48 -8.48
C CYS A 113 1.26 6.72 -9.31
N GLU A 114 0.68 7.85 -8.89
CA GLU A 114 0.93 9.13 -9.52
C GLU A 114 2.42 9.39 -9.36
N GLY A 115 3.06 9.82 -10.45
CA GLY A 115 4.52 9.85 -10.52
C GLY A 115 4.98 8.63 -11.29
N SER A 116 6.19 8.69 -11.83
CA SER A 116 6.63 7.71 -12.83
C SER A 116 7.61 6.66 -12.31
N SER A 117 7.97 5.73 -13.20
CA SER A 117 9.03 4.76 -12.95
C SER A 117 10.38 5.48 -12.86
N LEU A 118 11.31 4.91 -12.10
CA LEU A 118 12.62 5.52 -11.89
C LEU A 118 13.37 5.80 -13.20
N TYR A 119 13.37 4.81 -14.10
CA TYR A 119 14.02 4.95 -15.41
C TYR A 119 13.71 6.29 -16.05
N LYS A 120 12.46 6.73 -15.95
CA LYS A 120 12.04 8.02 -16.47
C LYS A 120 12.66 9.15 -15.67
N HIS A 121 12.30 9.22 -14.38
CA HIS A 121 12.81 10.25 -13.48
C HIS A 121 14.30 10.50 -13.65
N LEU A 122 15.04 9.44 -13.94
CA LEU A 122 16.49 9.47 -13.94
C LEU A 122 17.11 9.76 -15.31
N HIS A 123 16.67 9.04 -16.34
CA HIS A 123 17.31 9.12 -17.66
C HIS A 123 16.47 9.86 -18.70
N VAL A 124 15.19 10.05 -18.42
CA VAL A 124 14.29 10.68 -19.38
C VAL A 124 13.96 12.12 -18.94
N GLN A 125 13.66 12.28 -17.65
CA GLN A 125 13.27 13.58 -17.10
C GLN A 125 14.36 14.20 -16.23
N GLU A 126 15.34 13.38 -15.85
CA GLU A 126 16.56 13.85 -15.18
C GLU A 126 16.30 14.70 -13.94
N THR A 127 15.56 14.16 -12.99
CA THR A 127 15.27 14.83 -11.72
C THR A 127 16.48 14.79 -10.79
N LYS A 128 16.77 15.95 -10.19
CA LYS A 128 17.98 16.13 -9.38
C LYS A 128 17.74 15.69 -7.93
N PHE A 129 17.72 14.38 -7.71
CA PHE A 129 17.50 13.82 -6.38
C PHE A 129 18.72 14.03 -5.49
N GLN A 130 18.50 14.62 -4.32
CA GLN A 130 19.56 14.88 -3.35
C GLN A 130 19.98 13.59 -2.66
N MET A 131 21.23 13.54 -2.22
CA MET A 131 21.79 12.33 -1.59
C MET A 131 21.05 11.93 -0.31
N PHE A 132 20.64 12.93 0.47
CA PHE A 132 19.84 12.75 1.69
C PHE A 132 18.81 11.64 1.50
N GLN A 133 18.12 11.68 0.36
CA GLN A 133 17.04 10.74 0.05
C GLN A 133 17.31 9.86 -1.18
N LEU A 134 18.41 10.12 -1.87
CA LEU A 134 18.83 9.28 -2.99
C LEU A 134 19.12 7.88 -2.48
N ILE A 135 19.68 7.82 -1.28
CA ILE A 135 19.93 6.57 -0.57
C ILE A 135 18.62 6.05 0.03
N ASP A 136 17.71 6.96 0.34
CA ASP A 136 16.39 6.60 0.87
C ASP A 136 15.54 5.90 -0.20
N ILE A 137 15.85 6.18 -1.46
CA ILE A 137 15.28 5.44 -2.57
C ILE A 137 15.90 4.05 -2.61
N ALA A 138 17.23 4.00 -2.43
CA ALA A 138 17.98 2.75 -2.45
C ALA A 138 17.61 1.83 -1.28
N ARG A 139 17.36 2.43 -0.12
CA ARG A 139 17.02 1.67 1.08
C ARG A 139 15.70 0.94 0.88
N GLN A 140 14.74 1.61 0.27
CA GLN A 140 13.42 1.05 0.04
C GLN A 140 13.45 -0.05 -1.00
N THR A 141 14.18 0.16 -2.09
CA THR A 141 14.27 -0.85 -3.16
C THR A 141 15.06 -2.08 -2.72
N ALA A 142 15.78 -1.95 -1.59
CA ALA A 142 16.37 -3.09 -0.92
C ALA A 142 15.35 -3.64 0.08
N GLN A 143 14.73 -2.74 0.84
CA GLN A 143 13.67 -3.08 1.78
C GLN A 143 12.70 -4.04 1.14
N GLY A 144 12.27 -3.70 -0.07
CA GLY A 144 11.40 -4.54 -0.87
C GLY A 144 12.11 -5.81 -1.29
N MET A 145 13.20 -5.67 -2.02
CA MET A 145 13.94 -6.81 -2.56
C MET A 145 14.31 -7.91 -1.56
N ASP A 146 14.49 -7.51 -0.30
CA ASP A 146 14.77 -8.45 0.77
C ASP A 146 13.57 -9.35 1.03
N TYR A 147 12.39 -8.74 1.06
CA TYR A 147 11.13 -9.42 1.35
C TYR A 147 10.84 -10.59 0.41
N LEU A 148 11.06 -10.36 -0.89
CA LEU A 148 10.80 -11.38 -1.91
C LEU A 148 11.77 -12.54 -1.75
N HIS A 149 13.06 -12.22 -1.72
CA HIS A 149 14.10 -13.20 -1.47
C HIS A 149 13.75 -14.09 -0.28
N ALA A 150 13.33 -13.45 0.81
CA ALA A 150 12.94 -14.18 2.01
C ALA A 150 11.66 -14.99 1.79
N LYS A 151 10.68 -14.42 1.11
CA LYS A 151 9.45 -15.16 0.82
C LYS A 151 9.48 -15.93 -0.50
N ASN A 152 10.63 -16.57 -0.77
CA ASN A 152 10.81 -17.52 -1.88
C ASN A 152 10.96 -16.93 -3.29
N ILE A 153 10.58 -15.66 -3.44
CA ILE A 153 10.45 -15.03 -4.75
C ILE A 153 11.78 -14.62 -5.39
N ILE A 154 12.03 -15.17 -6.58
CA ILE A 154 13.09 -14.70 -7.46
C ILE A 154 12.43 -13.79 -8.49
N HIS A 155 13.02 -12.62 -8.72
CA HIS A 155 12.43 -11.65 -9.66
C HIS A 155 12.74 -11.95 -11.13
N ARG A 156 13.88 -12.60 -11.38
CA ARG A 156 14.40 -12.82 -12.74
C ARG A 156 14.74 -11.49 -13.41
N ASP A 157 13.73 -10.79 -13.91
CA ASP A 157 13.88 -9.46 -14.51
C ASP A 157 13.93 -8.38 -13.42
N MET A 158 14.89 -7.46 -13.55
CA MET A 158 15.07 -6.40 -12.56
C MET A 158 15.61 -5.12 -13.18
N LYS A 159 14.71 -4.22 -13.54
CA LYS A 159 15.08 -2.97 -14.19
C LYS A 159 14.86 -1.77 -13.28
N SER A 160 15.46 -0.63 -13.64
CA SER A 160 15.07 0.66 -13.09
C SER A 160 13.75 1.06 -13.75
N ASN A 161 13.48 0.42 -14.88
CA ASN A 161 12.21 0.53 -15.59
C ASN A 161 11.07 -0.11 -14.79
N ASN A 162 11.43 -1.05 -13.90
CA ASN A 162 10.45 -1.74 -13.07
C ASN A 162 10.21 -1.10 -11.71
N ILE A 163 11.13 -0.23 -11.28
CA ILE A 163 11.00 0.40 -9.98
C ILE A 163 10.09 1.62 -10.04
N PHE A 164 8.81 1.39 -9.74
CA PHE A 164 7.83 2.47 -9.77
C PHE A 164 7.87 3.30 -8.52
N LEU A 165 7.90 4.62 -8.72
CA LEU A 165 8.10 5.56 -7.63
C LEU A 165 6.83 6.34 -7.32
N HIS A 166 6.36 6.25 -6.08
CA HIS A 166 5.10 6.88 -5.67
C HIS A 166 5.32 8.37 -5.36
N GLU A 167 5.21 9.19 -6.40
CA GLU A 167 5.38 10.65 -6.30
C GLU A 167 6.84 11.05 -6.06
N GLY A 168 7.21 11.16 -4.79
CA GLY A 168 8.59 11.40 -4.40
C GLY A 168 8.99 10.41 -3.32
N LEU A 169 7.99 9.79 -2.70
CA LEU A 169 8.20 8.84 -1.61
C LEU A 169 7.85 7.43 -2.07
N THR A 170 8.03 6.45 -1.17
CA THR A 170 7.58 5.07 -1.35
C THR A 170 7.99 4.39 -2.67
N VAL A 171 9.02 3.56 -2.59
CA VAL A 171 9.46 2.76 -3.72
C VAL A 171 8.68 1.45 -3.73
N LYS A 172 8.00 1.18 -4.84
CA LYS A 172 7.28 -0.08 -5.01
C LYS A 172 7.77 -0.82 -6.24
N ILE A 173 8.04 -2.11 -6.08
CA ILE A 173 8.65 -2.92 -7.13
C ILE A 173 7.62 -3.38 -8.15
N GLY A 174 8.03 -3.36 -9.42
CA GLY A 174 7.15 -3.62 -10.55
C GLY A 174 6.70 -5.05 -10.74
N ASP A 175 6.30 -5.35 -11.97
CA ASP A 175 5.67 -6.63 -12.31
C ASP A 175 6.60 -7.82 -12.25
N PHE A 176 5.98 -8.99 -12.12
CA PHE A 176 6.69 -10.24 -11.89
C PHE A 176 6.54 -11.17 -13.10
N GLY A 177 6.15 -10.60 -14.24
CA GLY A 177 5.94 -11.35 -15.48
C GLY A 177 6.95 -12.45 -15.73
N LEU A 178 8.19 -12.20 -15.30
CA LEU A 178 9.25 -13.20 -15.38
C LEU A 178 9.43 -13.96 -14.06
N ALA A 179 9.50 -13.23 -12.95
CA ALA A 179 9.67 -13.79 -11.61
C ALA A 179 9.06 -15.18 -11.41
N THR A 180 9.87 -16.12 -10.93
CA THR A 180 9.41 -17.49 -10.68
C THR A 180 9.62 -17.91 -9.22
N VAL A 181 9.33 -19.19 -8.92
CA VAL A 181 9.51 -19.77 -7.59
C VAL A 181 10.90 -19.46 -7.02
N PRO A 194 10.47 -12.48 -26.32
CA PRO A 194 11.65 -12.24 -27.13
C PRO A 194 12.49 -11.01 -26.71
N THR A 195 11.83 -9.92 -26.32
CA THR A 195 12.53 -8.68 -25.94
C THR A 195 13.35 -8.83 -24.63
N GLY A 196 14.65 -8.60 -24.75
CA GLY A 196 15.56 -8.63 -23.61
C GLY A 196 15.99 -7.23 -23.23
N SER A 197 16.00 -6.96 -21.92
CA SER A 197 16.45 -5.68 -21.39
C SER A 197 17.82 -5.83 -20.74
N VAL A 198 18.82 -6.15 -21.56
CA VAL A 198 20.21 -6.30 -21.14
C VAL A 198 20.71 -5.00 -20.51
N LEU A 199 21.80 -5.09 -19.76
CA LEU A 199 22.36 -4.00 -18.94
C LEU A 199 22.22 -4.37 -17.48
N TRP A 200 21.02 -4.82 -17.11
CA TRP A 200 20.78 -5.31 -15.76
C TRP A 200 20.76 -6.84 -15.75
N MET A 201 21.85 -7.44 -16.23
CA MET A 201 21.96 -8.90 -16.26
C MET A 201 23.33 -9.36 -15.80
N ALA A 202 23.35 -10.26 -14.82
CA ALA A 202 24.60 -10.83 -14.32
C ALA A 202 25.31 -11.62 -15.42
N PRO A 203 26.65 -11.49 -15.50
CA PRO A 203 27.43 -12.15 -16.55
C PRO A 203 26.98 -13.60 -16.75
N GLU A 204 26.98 -14.36 -15.67
CA GLU A 204 26.54 -15.75 -15.64
C GLU A 204 25.19 -16.00 -16.34
N VAL A 205 24.32 -14.99 -16.30
CA VAL A 205 22.97 -15.08 -16.86
C VAL A 205 22.93 -14.61 -18.30
N ILE A 206 23.83 -13.71 -18.67
CA ILE A 206 23.98 -13.28 -20.06
C ILE A 206 24.49 -14.45 -20.90
N ARG A 207 25.44 -15.20 -20.33
CA ARG A 207 26.02 -16.38 -20.97
C ARG A 207 24.96 -17.41 -21.32
N MET A 208 24.13 -17.73 -20.33
CA MET A 208 23.36 -18.98 -20.27
C MET A 208 24.36 -20.12 -20.02
N GLN A 209 23.99 -21.04 -19.14
CA GLN A 209 24.92 -22.05 -18.67
C GLN A 209 24.29 -23.43 -18.50
N ASP A 210 23.16 -23.47 -17.81
CA ASP A 210 22.58 -24.73 -17.35
C ASP A 210 21.07 -24.64 -17.10
N ASN A 211 20.38 -23.86 -17.94
CA ASN A 211 18.92 -23.59 -17.82
C ASN A 211 18.54 -22.90 -16.51
N ASN A 212 19.50 -22.81 -15.59
CA ASN A 212 19.27 -22.34 -14.24
C ASN A 212 20.21 -21.21 -13.82
N PRO A 213 20.40 -20.20 -14.69
CA PRO A 213 21.32 -19.13 -14.30
C PRO A 213 20.71 -18.16 -13.30
N PHE A 214 19.42 -17.84 -13.47
CA PHE A 214 18.69 -16.93 -12.59
C PHE A 214 18.70 -17.46 -11.16
N SER A 215 19.20 -16.64 -10.24
CA SER A 215 19.29 -17.02 -8.83
C SER A 215 19.18 -15.80 -7.92
N PHE A 216 19.49 -15.99 -6.64
CA PHE A 216 19.47 -14.90 -5.66
C PHE A 216 20.40 -13.77 -6.07
N GLN A 217 21.67 -14.09 -6.23
CA GLN A 217 22.69 -13.12 -6.60
C GLN A 217 22.38 -12.42 -7.91
N SER A 218 21.70 -13.12 -8.83
CA SER A 218 21.28 -12.56 -10.10
C SER A 218 20.44 -11.31 -9.86
N ASP A 219 19.45 -11.43 -8.99
CA ASP A 219 18.65 -10.29 -8.55
C ASP A 219 19.55 -9.24 -7.90
N VAL A 220 20.41 -9.69 -6.99
CA VAL A 220 21.33 -8.80 -6.28
C VAL A 220 22.20 -8.01 -7.25
N TYR A 221 22.71 -8.69 -8.28
CA TYR A 221 23.57 -8.04 -9.25
C TYR A 221 22.85 -6.86 -9.89
N SER A 222 21.72 -7.15 -10.51
CA SER A 222 20.95 -6.13 -11.22
C SER A 222 20.52 -4.99 -10.31
N TYR A 223 20.38 -5.30 -9.02
CA TYR A 223 20.11 -4.29 -8.01
C TYR A 223 21.31 -3.36 -7.85
N GLY A 224 22.50 -3.92 -8.01
CA GLY A 224 23.75 -3.15 -7.93
C GLY A 224 23.87 -2.16 -9.07
N ILE A 225 23.37 -2.54 -10.24
CA ILE A 225 23.31 -1.63 -11.38
C ILE A 225 22.35 -0.50 -11.07
N VAL A 226 21.23 -0.83 -10.42
CA VAL A 226 20.30 0.19 -9.94
C VAL A 226 21.00 1.14 -8.96
N LEU A 227 21.87 0.61 -8.12
CA LEU A 227 22.68 1.44 -7.22
C LEU A 227 23.58 2.35 -8.03
N TYR A 228 24.28 1.79 -9.02
CA TYR A 228 25.11 2.56 -9.94
C TYR A 228 24.30 3.66 -10.62
N GLU A 229 23.09 3.32 -11.07
CA GLU A 229 22.20 4.27 -11.73
C GLU A 229 21.92 5.48 -10.84
N LEU A 230 21.64 5.21 -9.56
CA LEU A 230 21.35 6.26 -8.59
C LEU A 230 22.56 7.15 -8.34
N MET A 231 23.73 6.52 -8.19
CA MET A 231 24.96 7.24 -7.85
C MET A 231 25.58 8.01 -9.01
N THR A 232 25.18 7.67 -10.24
CA THR A 232 25.73 8.29 -11.43
C THR A 232 24.71 9.11 -12.20
N GLY A 233 23.46 8.66 -12.23
CA GLY A 233 22.41 9.29 -13.02
C GLY A 233 22.53 8.93 -14.48
N GLU A 234 23.49 8.06 -14.78
CA GLU A 234 23.80 7.65 -16.13
C GLU A 234 23.47 6.18 -16.27
N LEU A 235 23.27 5.73 -17.51
CA LEU A 235 23.18 4.29 -17.78
C LEU A 235 24.59 3.70 -17.77
N PRO A 236 24.72 2.39 -17.46
CA PRO A 236 26.03 1.75 -17.53
C PRO A 236 26.57 1.73 -18.96
N TYR A 237 27.89 1.83 -19.09
CA TYR A 237 28.58 1.85 -20.39
C TYR A 237 27.89 2.81 -21.37
N SER A 238 27.47 3.98 -20.87
CA SER A 238 26.72 4.92 -21.68
C SER A 238 27.56 5.53 -22.80
N HIS A 239 28.88 5.36 -22.71
CA HIS A 239 29.78 5.87 -23.73
C HIS A 239 30.42 4.76 -24.57
N ILE A 240 29.53 3.93 -25.12
CA ILE A 240 29.74 3.11 -26.31
C ILE A 240 28.37 3.08 -26.99
N ASN A 241 28.26 2.40 -28.13
CA ASN A 241 26.94 2.20 -28.75
C ASN A 241 26.83 0.93 -29.57
N ASN A 242 27.04 -0.20 -28.90
CA ASN A 242 26.93 -1.50 -29.52
C ASN A 242 26.39 -2.50 -28.52
N ARG A 243 25.05 -2.50 -28.38
CA ARG A 243 24.36 -3.39 -27.46
C ARG A 243 24.89 -4.82 -27.59
N ASP A 244 25.09 -5.26 -28.82
CA ASP A 244 25.55 -6.63 -29.11
C ASP A 244 27.06 -6.78 -29.00
N GLN A 245 27.68 -5.90 -28.22
CA GLN A 245 29.09 -6.01 -27.88
C GLN A 245 29.25 -5.93 -26.37
N ILE A 246 28.34 -5.20 -25.73
CA ILE A 246 28.22 -5.19 -24.27
C ILE A 246 27.80 -6.58 -23.81
N ILE A 247 26.86 -7.16 -24.55
CA ILE A 247 26.36 -8.50 -24.30
C ILE A 247 27.51 -9.51 -24.15
N PHE A 248 28.43 -9.51 -25.12
CA PHE A 248 29.58 -10.38 -25.05
C PHE A 248 30.52 -9.95 -23.93
N MET A 249 30.97 -8.69 -23.99
CA MET A 249 32.00 -8.18 -23.10
C MET A 249 31.72 -8.35 -21.61
N VAL A 250 30.49 -8.01 -21.19
CA VAL A 250 30.07 -8.23 -19.81
C VAL A 250 29.86 -9.73 -19.58
N GLY A 251 29.38 -10.41 -20.62
CA GLY A 251 29.14 -11.85 -20.57
C GLY A 251 30.40 -12.68 -20.41
N ARG A 252 31.54 -12.12 -20.80
CA ARG A 252 32.83 -12.80 -20.65
C ARG A 252 33.74 -12.12 -19.62
N GLY A 253 33.20 -11.12 -18.93
CA GLY A 253 33.90 -10.47 -17.83
C GLY A 253 34.99 -9.50 -18.24
N TYR A 254 34.87 -8.95 -19.45
CA TYR A 254 35.81 -7.94 -19.93
C TYR A 254 35.32 -6.53 -19.62
N ALA A 255 34.02 -6.30 -19.81
CA ALA A 255 33.43 -4.97 -19.58
C ALA A 255 32.84 -4.82 -18.18
N SER A 256 33.70 -4.47 -17.23
CA SER A 256 33.28 -4.12 -15.89
C SER A 256 32.63 -2.73 -15.90
N PRO A 257 31.62 -2.51 -15.04
CA PRO A 257 31.00 -1.19 -14.96
C PRO A 257 31.95 -0.19 -14.29
N ASP A 258 31.89 1.07 -14.74
CA ASP A 258 32.79 2.10 -14.24
C ASP A 258 32.34 2.64 -12.89
N LEU A 259 33.06 2.23 -11.84
CA LEU A 259 32.76 2.70 -10.49
C LEU A 259 33.22 4.13 -10.26
N SER A 260 34.31 4.51 -10.94
CA SER A 260 34.89 5.85 -10.82
C SER A 260 34.05 6.88 -11.58
N LYS A 261 32.75 6.85 -11.36
CA LYS A 261 31.79 7.71 -12.06
C LYS A 261 30.85 8.42 -11.10
N LEU A 262 30.57 7.78 -9.97
CA LEU A 262 29.64 8.29 -8.97
C LEU A 262 29.97 9.69 -8.45
N TYR A 263 28.94 10.43 -8.03
CA TYR A 263 29.10 11.79 -7.53
C TYR A 263 29.97 11.85 -6.27
N LYS A 264 30.43 13.05 -5.93
CA LYS A 264 31.30 13.25 -4.79
C LYS A 264 30.55 13.14 -3.46
N ASN A 265 29.24 13.41 -3.51
CA ASN A 265 28.38 13.33 -2.32
C ASN A 265 28.26 11.90 -1.80
N CYS A 266 28.43 10.94 -2.72
CA CYS A 266 28.32 9.51 -2.40
C CYS A 266 29.32 9.07 -1.33
N PRO A 267 28.85 8.28 -0.35
CA PRO A 267 29.67 7.74 0.73
C PRO A 267 30.68 6.68 0.27
N LYS A 268 31.76 6.54 1.04
CA LYS A 268 32.81 5.56 0.76
C LYS A 268 32.31 4.15 0.99
N ALA A 269 31.40 4.01 1.96
CA ALA A 269 30.80 2.72 2.28
C ALA A 269 29.85 2.26 1.17
N MET A 270 29.25 3.23 0.47
CA MET A 270 28.34 2.93 -0.64
C MET A 270 29.09 2.36 -1.83
N LYS A 271 30.17 3.03 -2.23
CA LYS A 271 31.00 2.56 -3.33
C LYS A 271 31.51 1.13 -3.07
N ARG A 272 31.71 0.78 -1.80
CA ARG A 272 32.08 -0.58 -1.41
C ARG A 272 30.94 -1.56 -1.66
N LEU A 273 29.72 -1.11 -1.39
CA LEU A 273 28.54 -1.95 -1.50
C LEU A 273 28.22 -2.22 -2.97
N VAL A 274 28.32 -1.19 -3.81
CA VAL A 274 28.09 -1.32 -5.24
C VAL A 274 29.04 -2.38 -5.79
N ALA A 275 30.32 -2.26 -5.47
CA ALA A 275 31.36 -3.19 -5.93
C ALA A 275 31.09 -4.62 -5.51
N ASP A 276 30.66 -4.80 -4.26
CA ASP A 276 30.34 -6.13 -3.72
C ASP A 276 29.17 -6.78 -4.45
N CYS A 277 28.22 -5.95 -4.88
CA CYS A 277 27.06 -6.44 -5.62
C CYS A 277 27.32 -6.59 -7.10
N VAL A 278 28.23 -5.77 -7.64
CA VAL A 278 28.57 -5.83 -9.05
C VAL A 278 29.81 -6.73 -9.27
N LYS A 279 29.96 -7.72 -8.39
CA LYS A 279 30.99 -8.75 -8.51
C LYS A 279 30.68 -9.69 -9.67
N LYS A 280 31.68 -9.96 -10.52
CA LYS A 280 31.49 -10.84 -11.68
C LYS A 280 31.13 -12.25 -11.21
N VAL A 281 31.87 -12.72 -10.21
CA VAL A 281 31.75 -14.07 -9.68
C VAL A 281 30.42 -14.23 -8.92
N LYS A 282 29.79 -15.39 -9.11
CA LYS A 282 28.47 -15.72 -8.55
C LYS A 282 28.43 -15.69 -7.02
N GLU A 283 29.08 -16.66 -6.39
CA GLU A 283 28.97 -16.89 -4.95
C GLU A 283 29.56 -15.75 -4.10
N GLU A 284 30.39 -14.92 -4.73
CA GLU A 284 31.08 -13.82 -4.04
C GLU A 284 30.13 -12.68 -3.63
N ARG A 285 28.95 -12.63 -4.24
CA ARG A 285 28.01 -11.54 -4.01
C ARG A 285 27.23 -11.70 -2.71
N PRO A 286 26.95 -10.57 -2.01
CA PRO A 286 26.28 -10.60 -0.71
C PRO A 286 24.76 -10.58 -0.80
N LEU A 287 24.11 -11.39 0.04
CA LEU A 287 22.66 -11.58 -0.01
C LEU A 287 21.90 -10.42 0.65
N PHE A 288 20.63 -10.28 0.29
CA PHE A 288 19.82 -9.12 0.67
C PHE A 288 19.68 -8.84 2.16
N PRO A 289 19.41 -9.87 2.99
CA PRO A 289 19.37 -9.58 4.42
C PRO A 289 20.58 -8.76 4.85
N GLN A 290 21.75 -9.07 4.30
CA GLN A 290 22.98 -8.34 4.61
C GLN A 290 22.97 -6.93 4.02
N ILE A 291 22.60 -6.84 2.75
CA ILE A 291 22.59 -5.56 2.02
C ILE A 291 21.77 -4.52 2.76
N LEU A 292 20.52 -4.86 3.04
CA LEU A 292 19.57 -3.95 3.67
C LEU A 292 20.14 -3.33 4.95
N SER A 293 20.48 -4.19 5.91
CA SER A 293 21.01 -3.74 7.20
C SER A 293 22.32 -2.96 7.07
N SER A 294 23.07 -3.24 6.01
CA SER A 294 24.31 -2.53 5.72
C SER A 294 24.03 -1.10 5.27
N ILE A 295 22.96 -0.92 4.49
CA ILE A 295 22.53 0.42 4.06
C ILE A 295 21.89 1.17 5.22
N GLU A 296 21.07 0.46 6.00
CA GLU A 296 20.42 1.03 7.19
C GLU A 296 21.49 1.66 8.09
N LEU A 297 22.50 0.86 8.42
CA LEU A 297 23.67 1.31 9.17
C LEU A 297 24.21 2.64 8.65
N LEU A 298 24.55 2.69 7.37
CA LEU A 298 25.19 3.87 6.79
C LEU A 298 24.25 5.07 6.62
N GLN A 299 22.95 4.81 6.57
CA GLN A 299 21.97 5.88 6.33
C GLN A 299 21.93 6.92 7.46
N HIS A 300 22.08 6.45 8.69
CA HIS A 300 22.17 7.36 9.84
C HIS A 300 23.63 7.62 10.27
N SER A 301 24.45 7.92 9.27
CA SER A 301 25.79 8.47 9.46
C SER A 301 25.96 9.64 8.50
N LEU A 302 24.96 9.81 7.62
CA LEU A 302 24.98 10.82 6.58
C LEU A 302 24.54 12.23 7.01
N PRO A 303 23.37 12.37 7.70
CA PRO A 303 22.72 13.66 7.97
C PRO A 303 23.64 14.91 7.96
N LYS A 304 24.79 14.81 8.63
CA LYS A 304 25.80 15.87 8.61
C LYS A 304 26.70 15.78 7.38
N TYR B 29 -0.49 -20.39 1.07
CA TYR B 29 -0.94 -18.96 1.05
C TYR B 29 -1.07 -18.41 2.47
N TYR B 30 -0.50 -19.13 3.44
CA TYR B 30 -0.55 -18.73 4.85
C TYR B 30 0.09 -17.37 5.06
N TRP B 31 -0.72 -16.43 5.53
CA TRP B 31 -0.24 -15.10 5.86
C TRP B 31 0.19 -15.05 7.32
N GLU B 32 0.72 -16.17 7.81
CA GLU B 32 1.30 -16.21 9.14
C GLU B 32 2.82 -16.13 9.05
N ILE B 33 3.39 -15.31 9.93
CA ILE B 33 4.82 -15.13 9.98
C ILE B 33 5.45 -16.28 10.74
N GLU B 34 6.45 -16.91 10.13
CA GLU B 34 7.19 -18.00 10.78
C GLU B 34 7.76 -17.52 12.12
N ALA B 35 7.59 -18.36 13.14
CA ALA B 35 7.88 -18.02 14.54
C ALA B 35 9.00 -17.01 14.79
N SER B 36 8.62 -15.91 15.47
CA SER B 36 9.56 -14.95 16.09
C SER B 36 10.40 -14.07 15.16
N GLU B 37 10.04 -14.02 13.87
CA GLU B 37 10.73 -13.14 12.93
C GLU B 37 10.42 -11.66 13.21
N VAL B 38 9.32 -11.40 13.90
CA VAL B 38 8.89 -10.05 14.26
C VAL B 38 9.59 -9.50 15.50
N MET B 39 9.86 -8.21 15.48
CA MET B 39 10.28 -7.48 16.66
C MET B 39 9.09 -6.68 17.17
N LEU B 40 9.17 -6.19 18.41
CA LEU B 40 8.15 -5.27 18.92
C LEU B 40 8.76 -4.21 19.82
N SER B 41 8.57 -2.95 19.45
CA SER B 41 9.04 -1.82 20.24
C SER B 41 7.94 -1.34 21.19
N THR B 42 7.99 -0.07 21.58
CA THR B 42 7.10 0.51 22.59
C THR B 42 5.61 0.44 22.23
N ARG B 43 4.76 0.60 23.24
CA ARG B 43 3.32 0.74 23.06
C ARG B 43 2.99 2.06 22.40
N ILE B 44 1.90 2.08 21.64
CA ILE B 44 1.39 3.31 21.05
C ILE B 44 -0.06 3.57 21.49
N GLY B 45 -0.71 2.53 22.02
CA GLY B 45 -2.07 2.66 22.56
C GLY B 45 -2.76 1.32 22.78
N SER B 46 -4.07 1.30 22.54
CA SER B 46 -4.89 0.10 22.67
C SER B 46 -5.92 0.06 21.54
N GLY B 47 -6.96 -0.75 21.69
CA GLY B 47 -8.02 -0.80 20.69
C GLY B 47 -9.07 -1.87 20.87
N SER B 48 -9.28 -2.64 19.81
CA SER B 48 -10.34 -3.64 19.76
C SER B 48 -9.79 -5.06 19.94
N PHE B 49 -9.56 -5.42 21.21
CA PHE B 49 -9.07 -6.75 21.61
C PHE B 49 -7.55 -6.85 21.77
N GLY B 50 -6.84 -5.73 21.65
CA GLY B 50 -5.39 -5.79 21.70
C GLY B 50 -4.63 -4.54 22.13
N THR B 51 -3.43 -4.40 21.57
CA THR B 51 -2.50 -3.31 21.88
C THR B 51 -1.69 -3.08 20.61
N VAL B 52 -1.14 -1.87 20.44
CA VAL B 52 -0.36 -1.59 19.24
C VAL B 52 1.09 -1.20 19.52
N TYR B 53 1.97 -1.64 18.62
CA TYR B 53 3.41 -1.40 18.74
C TYR B 53 4.04 -1.00 17.40
N LYS B 54 5.18 -0.33 17.47
CA LYS B 54 5.97 0.02 16.28
C LYS B 54 7.11 -0.99 16.13
N GLY B 55 6.74 -2.23 15.82
CA GLY B 55 7.72 -3.32 15.68
C GLY B 55 8.38 -3.38 14.31
N LYS B 56 9.26 -4.35 14.12
CA LYS B 56 9.98 -4.50 12.86
C LYS B 56 9.76 -5.86 12.21
N TRP B 57 9.57 -5.86 10.89
CA TRP B 57 9.49 -7.06 10.07
C TRP B 57 9.67 -6.68 8.60
N HIS B 58 10.85 -6.98 8.06
CA HIS B 58 11.25 -6.59 6.70
C HIS B 58 11.22 -5.07 6.49
N GLY B 59 11.00 -4.34 7.58
CA GLY B 59 10.87 -2.89 7.56
C GLY B 59 10.19 -2.41 8.83
N ASP B 60 9.34 -1.40 8.69
CA ASP B 60 8.53 -0.93 9.81
C ASP B 60 7.09 -1.42 9.69
N VAL B 61 6.58 -2.00 10.77
CA VAL B 61 5.25 -2.59 10.77
C VAL B 61 4.44 -2.22 12.02
N ALA B 62 3.14 -2.00 11.82
CA ALA B 62 2.23 -1.81 12.95
C ALA B 62 1.67 -3.17 13.36
N VAL B 63 1.80 -3.50 14.64
CA VAL B 63 1.46 -4.83 15.15
C VAL B 63 0.50 -4.79 16.34
N LYS B 64 -0.60 -5.54 16.24
CA LYS B 64 -1.53 -5.72 17.35
C LYS B 64 -1.27 -7.04 18.06
N ILE B 65 -1.02 -6.98 19.36
CA ILE B 65 -0.78 -8.18 20.17
C ILE B 65 -1.86 -8.37 21.23
N LEU B 66 -2.15 -9.64 21.54
CA LEU B 66 -3.14 -10.05 22.52
C LEU B 66 -2.94 -9.39 23.90
N LYS B 67 -1.70 -9.39 24.36
CA LYS B 67 -1.30 -8.93 25.72
C LYS B 67 -1.92 -9.76 26.86
N VAL B 68 -2.47 -10.93 26.51
CA VAL B 68 -3.05 -11.83 27.53
C VAL B 68 -2.17 -13.08 27.63
N VAL B 69 -2.36 -13.84 28.70
CA VAL B 69 -1.62 -15.08 28.94
C VAL B 69 -2.22 -16.25 28.15
N ASP B 70 -3.46 -16.59 28.48
CA ASP B 70 -4.18 -17.68 27.82
C ASP B 70 -5.30 -17.15 26.91
N PRO B 71 -5.63 -17.89 25.83
CA PRO B 71 -6.67 -17.43 24.90
C PRO B 71 -8.08 -17.97 25.19
N THR B 72 -9.06 -17.06 25.27
CA THR B 72 -10.47 -17.40 25.42
C THR B 72 -11.00 -17.99 24.11
N PRO B 73 -11.85 -19.03 24.20
CA PRO B 73 -12.56 -19.59 23.04
C PRO B 73 -13.32 -18.55 22.21
N GLU B 74 -13.80 -17.49 22.86
CA GLU B 74 -14.44 -16.38 22.16
C GLU B 74 -13.40 -15.43 21.55
N GLN B 75 -12.29 -15.23 22.26
CA GLN B 75 -11.16 -14.44 21.75
C GLN B 75 -10.45 -15.16 20.61
N PHE B 76 -10.29 -16.48 20.75
CA PHE B 76 -9.81 -17.35 19.68
C PHE B 76 -10.45 -16.97 18.36
N GLN B 77 -11.79 -16.96 18.38
CA GLN B 77 -12.59 -16.68 17.18
C GLN B 77 -12.57 -15.20 16.80
N ALA B 78 -12.40 -14.33 17.79
CA ALA B 78 -12.31 -12.88 17.56
C ALA B 78 -11.05 -12.51 16.78
N PHE B 79 -9.97 -13.24 17.07
CA PHE B 79 -8.72 -13.14 16.32
C PHE B 79 -8.92 -13.68 14.92
N ARG B 80 -9.22 -14.97 14.82
CA ARG B 80 -9.42 -15.68 13.56
C ARG B 80 -10.45 -14.99 12.67
N ASN B 81 -11.30 -14.18 13.28
CA ASN B 81 -12.29 -13.38 12.57
C ASN B 81 -11.64 -12.25 11.80
N GLU B 82 -10.85 -11.44 12.51
CA GLU B 82 -10.22 -10.25 11.90
C GLU B 82 -9.25 -10.64 10.79
N VAL B 83 -8.64 -11.81 10.93
CA VAL B 83 -7.73 -12.34 9.92
C VAL B 83 -8.45 -12.55 8.58
N ALA B 84 -9.55 -13.28 8.62
CA ALA B 84 -10.30 -13.67 7.42
C ALA B 84 -10.94 -12.49 6.68
N VAL B 85 -11.16 -11.39 7.41
CA VAL B 85 -11.70 -10.17 6.82
C VAL B 85 -10.57 -9.37 6.15
N LEU B 86 -9.45 -9.26 6.84
CA LEU B 86 -8.28 -8.53 6.35
C LEU B 86 -7.62 -9.21 5.16
N ARG B 87 -7.75 -10.54 5.10
CA ARG B 87 -7.27 -11.34 3.98
C ARG B 87 -8.00 -10.95 2.69
N LYS B 88 -9.16 -10.33 2.84
CA LYS B 88 -9.98 -9.87 1.71
C LYS B 88 -9.58 -8.48 1.24
N THR B 89 -8.73 -7.80 2.01
CA THR B 89 -8.44 -6.39 1.76
C THR B 89 -7.06 -6.11 1.17
N ARG B 90 -6.99 -6.20 -0.16
CA ARG B 90 -5.86 -5.68 -0.91
C ARG B 90 -6.31 -4.37 -1.56
N HIS B 91 -6.11 -3.26 -0.84
CA HIS B 91 -6.45 -1.94 -1.36
C HIS B 91 -5.58 -0.82 -0.81
N VAL B 92 -5.38 0.19 -1.65
CA VAL B 92 -4.51 1.34 -1.38
C VAL B 92 -5.11 2.32 -0.36
N ASN B 93 -6.32 2.04 0.10
CA ASN B 93 -6.96 2.85 1.14
C ASN B 93 -7.39 2.05 2.35
N ILE B 94 -7.07 0.76 2.33
CA ILE B 94 -7.30 -0.11 3.48
C ILE B 94 -5.95 -0.49 4.04
N LEU B 95 -5.79 -0.36 5.36
CA LEU B 95 -4.53 -0.66 6.02
C LEU B 95 -4.06 -2.05 5.65
N LEU B 96 -2.97 -2.09 4.89
CA LEU B 96 -2.45 -3.33 4.32
C LEU B 96 -2.08 -4.34 5.39
N PHE B 97 -2.88 -5.40 5.48
CA PHE B 97 -2.58 -6.54 6.34
C PHE B 97 -1.37 -7.27 5.77
N MET B 98 -0.38 -7.52 6.61
CA MET B 98 0.86 -8.14 6.17
C MET B 98 1.01 -9.57 6.65
N GLY B 99 0.64 -9.83 7.91
CA GLY B 99 0.75 -11.16 8.49
C GLY B 99 0.19 -11.33 9.88
N TYR B 100 0.08 -12.59 10.32
CA TYR B 100 -0.39 -12.92 11.68
C TYR B 100 0.51 -13.94 12.37
N MET B 101 0.29 -14.15 13.66
CA MET B 101 1.07 -15.11 14.45
C MET B 101 0.32 -15.55 15.71
N THR B 102 0.10 -16.85 15.82
CA THR B 102 -0.55 -17.45 17.00
C THR B 102 0.49 -17.80 18.06
N LYS B 103 1.69 -18.14 17.62
CA LYS B 103 2.83 -18.37 18.50
C LYS B 103 3.23 -17.04 19.12
N ASP B 104 3.74 -17.08 20.36
CA ASP B 104 4.08 -15.87 21.13
C ASP B 104 2.90 -14.91 21.19
N ASN B 105 1.80 -15.34 21.82
CA ASN B 105 0.54 -14.59 21.85
C ASN B 105 -0.09 -14.50 20.45
N LEU B 106 -1.34 -14.05 20.41
CA LEU B 106 -2.02 -13.79 19.14
C LEU B 106 -1.64 -12.41 18.65
N ALA B 107 -1.36 -12.28 17.35
CA ALA B 107 -0.85 -11.03 16.79
C ALA B 107 -1.29 -10.75 15.36
N ILE B 108 -1.40 -9.46 15.02
CA ILE B 108 -1.76 -9.01 13.66
C ILE B 108 -0.80 -7.93 13.19
N VAL B 109 -0.19 -8.14 12.01
CA VAL B 109 0.81 -7.23 11.48
C VAL B 109 0.28 -6.49 10.25
N THR B 110 0.49 -5.18 10.22
CA THR B 110 0.15 -4.36 9.05
C THR B 110 1.32 -3.46 8.69
N GLN B 111 1.12 -2.63 7.67
CA GLN B 111 2.12 -1.63 7.32
C GLN B 111 2.13 -0.53 8.38
N TRP B 112 3.32 -0.07 8.75
CA TRP B 112 3.43 1.10 9.63
C TRP B 112 3.23 2.34 8.78
N CYS B 113 2.59 3.35 9.37
CA CYS B 113 2.31 4.58 8.67
C CYS B 113 2.87 5.79 9.42
N GLU B 114 3.72 6.55 8.73
CA GLU B 114 4.31 7.74 9.29
C GLU B 114 3.24 8.82 9.44
N GLY B 115 3.15 9.39 10.63
CA GLY B 115 2.08 10.31 10.97
C GLY B 115 1.28 9.78 12.15
N SER B 116 -0.01 10.11 12.19
CA SER B 116 -0.86 9.76 13.32
C SER B 116 -2.28 9.40 12.89
N SER B 117 -3.15 9.16 13.87
CA SER B 117 -4.58 8.94 13.65
C SER B 117 -5.24 10.25 13.27
N LEU B 118 -6.34 10.18 12.53
CA LEU B 118 -7.07 11.38 12.13
C LEU B 118 -7.67 12.10 13.33
N TYR B 119 -8.02 11.31 14.34
CA TYR B 119 -8.51 11.83 15.62
C TYR B 119 -7.49 12.75 16.27
N LYS B 120 -6.24 12.28 16.33
CA LYS B 120 -5.15 13.06 16.90
C LYS B 120 -5.00 14.38 16.15
N HIS B 121 -4.81 14.29 14.84
CA HIS B 121 -4.68 15.47 13.97
C HIS B 121 -5.76 16.50 14.22
N LEU B 122 -7.00 16.03 14.39
CA LEU B 122 -8.16 16.92 14.50
C LEU B 122 -8.41 17.49 15.90
N HIS B 123 -8.31 16.64 16.91
CA HIS B 123 -8.76 16.99 18.27
C HIS B 123 -7.63 17.04 19.31
N VAL B 124 -6.62 16.19 19.14
CA VAL B 124 -5.54 16.10 20.12
C VAL B 124 -4.44 17.14 19.87
N GLN B 125 -4.11 17.38 18.59
CA GLN B 125 -3.02 18.31 18.26
C GLN B 125 -3.42 19.49 17.38
N GLU B 126 -4.69 19.53 16.94
CA GLU B 126 -5.26 20.68 16.21
C GLU B 126 -4.49 21.11 14.96
N THR B 127 -4.51 20.27 13.93
CA THR B 127 -3.84 20.60 12.68
C THR B 127 -4.80 21.32 11.75
N LYS B 128 -4.43 22.54 11.35
CA LYS B 128 -5.24 23.30 10.39
C LYS B 128 -5.04 22.78 8.98
N PHE B 129 -5.84 21.77 8.63
CA PHE B 129 -5.86 21.21 7.29
C PHE B 129 -6.56 22.17 6.35
N GLN B 130 -6.00 22.35 5.16
CA GLN B 130 -6.57 23.23 4.15
C GLN B 130 -7.68 22.50 3.40
N MET B 131 -8.76 23.23 3.09
CA MET B 131 -9.98 22.64 2.50
C MET B 131 -9.73 21.78 1.25
N PHE B 132 -8.95 22.30 0.31
CA PHE B 132 -8.59 21.62 -0.93
C PHE B 132 -8.42 20.12 -0.73
N GLN B 133 -7.64 19.75 0.28
CA GLN B 133 -7.36 18.36 0.58
C GLN B 133 -7.99 17.88 1.90
N LEU B 134 -8.71 18.79 2.57
CA LEU B 134 -9.54 18.42 3.70
C LEU B 134 -10.71 17.58 3.18
N ILE B 135 -11.05 17.82 1.92
CA ILE B 135 -12.06 17.04 1.21
C ILE B 135 -11.41 15.80 0.60
N ASP B 136 -10.14 15.94 0.21
CA ASP B 136 -9.36 14.83 -0.35
C ASP B 136 -9.19 13.70 0.67
N ILE B 137 -9.24 14.05 1.96
CA ILE B 137 -9.26 13.08 3.04
C ILE B 137 -10.58 12.31 3.00
N ALA B 138 -11.69 13.04 2.88
CA ALA B 138 -13.02 12.45 2.76
C ALA B 138 -13.16 11.62 1.49
N ARG B 139 -12.49 12.05 0.42
CA ARG B 139 -12.44 11.32 -0.84
C ARG B 139 -11.91 9.92 -0.60
N GLN B 140 -10.69 9.86 -0.09
CA GLN B 140 -10.02 8.60 0.19
C GLN B 140 -10.75 7.74 1.22
N THR B 141 -11.44 8.40 2.15
CA THR B 141 -12.27 7.70 3.15
C THR B 141 -13.35 6.89 2.44
N ALA B 142 -14.07 7.55 1.53
CA ALA B 142 -15.10 6.90 0.74
C ALA B 142 -14.50 5.97 -0.31
N GLN B 143 -13.36 6.36 -0.87
CA GLN B 143 -12.62 5.54 -1.83
C GLN B 143 -12.51 4.12 -1.31
N GLY B 144 -12.10 4.00 -0.04
CA GLY B 144 -11.95 2.72 0.63
C GLY B 144 -13.25 2.12 1.13
N MET B 145 -14.12 2.98 1.67
CA MET B 145 -15.42 2.52 2.17
C MET B 145 -16.25 1.84 1.09
N ASP B 146 -16.23 2.42 -0.12
CA ASP B 146 -16.91 1.83 -1.26
C ASP B 146 -16.35 0.45 -1.57
N TYR B 147 -15.02 0.32 -1.52
CA TYR B 147 -14.34 -0.95 -1.76
C TYR B 147 -14.79 -2.02 -0.76
N LEU B 148 -14.90 -1.63 0.51
CA LEU B 148 -15.29 -2.56 1.56
C LEU B 148 -16.70 -3.08 1.35
N HIS B 149 -17.64 -2.16 1.18
CA HIS B 149 -19.05 -2.49 1.05
C HIS B 149 -19.36 -3.34 -0.18
N ALA B 150 -18.76 -2.97 -1.31
CA ALA B 150 -18.93 -3.72 -2.54
C ALA B 150 -18.33 -5.12 -2.43
N LYS B 151 -17.29 -5.27 -1.62
CA LYS B 151 -16.74 -6.59 -1.32
C LYS B 151 -17.27 -7.13 0.01
N ASN B 152 -18.58 -6.90 0.25
CA ASN B 152 -19.33 -7.53 1.34
C ASN B 152 -19.00 -7.05 2.77
N ILE B 153 -17.87 -6.39 2.94
CA ILE B 153 -17.33 -6.06 4.26
C ILE B 153 -18.05 -4.92 4.97
N ILE B 154 -18.40 -5.17 6.23
CA ILE B 154 -18.95 -4.17 7.14
C ILE B 154 -17.83 -3.81 8.12
N HIS B 155 -17.76 -2.54 8.51
CA HIS B 155 -16.74 -2.10 9.46
C HIS B 155 -17.24 -2.08 10.90
N ARG B 156 -18.55 -1.93 11.09
CA ARG B 156 -19.15 -1.78 12.41
C ARG B 156 -18.55 -0.61 13.21
N ASP B 157 -17.40 -0.84 13.84
CA ASP B 157 -16.73 0.10 14.75
C ASP B 157 -16.51 1.52 14.21
N MET B 158 -15.94 1.61 13.01
CA MET B 158 -15.58 2.88 12.37
C MET B 158 -14.74 3.83 13.23
N LYS B 159 -15.29 4.99 13.61
CA LYS B 159 -14.55 6.08 14.28
C LYS B 159 -13.71 6.88 13.30
N SER B 160 -13.18 8.02 13.75
CA SER B 160 -12.15 8.74 13.04
C SER B 160 -10.80 8.45 13.70
N ASN B 161 -10.85 7.67 14.77
CA ASN B 161 -9.65 7.14 15.40
C ASN B 161 -8.98 6.13 14.48
N ASN B 162 -9.79 5.41 13.72
CA ASN B 162 -9.34 4.33 12.85
C ASN B 162 -8.88 4.80 11.48
N ILE B 163 -9.06 6.10 11.19
CA ILE B 163 -8.59 6.68 9.95
C ILE B 163 -7.11 7.05 10.11
N PHE B 164 -6.25 6.04 10.04
CA PHE B 164 -4.81 6.27 10.17
C PHE B 164 -4.29 6.97 8.92
N LEU B 165 -3.52 8.02 9.15
CA LEU B 165 -3.06 8.88 8.07
C LEU B 165 -1.63 8.54 7.68
N HIS B 166 -1.42 8.28 6.39
CA HIS B 166 -0.09 8.00 5.87
C HIS B 166 0.52 9.27 5.30
N GLU B 167 1.53 9.79 6.01
CA GLU B 167 2.30 10.95 5.58
C GLU B 167 1.50 12.26 5.52
N GLY B 168 0.26 12.24 6.02
CA GLY B 168 -0.68 13.34 5.81
C GLY B 168 -0.94 13.46 4.33
N LEU B 169 -1.04 12.31 3.66
CA LEU B 169 -1.01 12.23 2.20
C LEU B 169 -1.88 11.09 1.66
N THR B 170 -1.98 10.00 2.43
CA THR B 170 -2.77 8.83 2.04
C THR B 170 -3.61 8.34 3.21
N VAL B 171 -4.90 8.11 2.97
CA VAL B 171 -5.83 7.66 3.99
C VAL B 171 -5.96 6.13 3.99
N LYS B 172 -5.76 5.53 5.15
CA LYS B 172 -5.88 4.07 5.31
C LYS B 172 -6.75 3.74 6.52
N ILE B 173 -7.79 2.95 6.30
CA ILE B 173 -8.67 2.50 7.39
C ILE B 173 -8.11 1.23 8.03
N GLY B 174 -8.10 1.17 9.36
CA GLY B 174 -7.54 0.02 10.07
C GLY B 174 -8.44 -0.58 11.13
N ASP B 175 -7.87 -1.51 11.90
CA ASP B 175 -8.54 -2.16 13.04
C ASP B 175 -9.95 -2.67 12.68
N PHE B 176 -9.98 -3.88 12.12
CA PHE B 176 -11.23 -4.51 11.67
C PHE B 176 -11.79 -5.44 12.75
N GLY B 177 -11.60 -5.04 14.01
CA GLY B 177 -12.01 -5.84 15.16
C GLY B 177 -13.50 -6.13 15.21
N LEU B 178 -14.29 -5.33 14.50
CA LEU B 178 -15.73 -5.50 14.44
C LEU B 178 -16.17 -5.39 12.99
N ALA B 179 -16.10 -6.49 12.25
CA ALA B 179 -16.40 -6.50 10.82
C ALA B 179 -16.99 -7.84 10.43
N THR B 180 -17.86 -7.87 9.41
CA THR B 180 -18.45 -9.14 8.95
C THR B 180 -18.72 -9.23 7.45
N VAL B 181 -19.89 -9.75 7.08
CA VAL B 181 -20.27 -9.99 5.69
C VAL B 181 -21.69 -9.49 5.43
N PRO B 194 -16.49 -4.62 27.48
CA PRO B 194 -17.84 -4.15 27.16
C PRO B 194 -17.89 -2.65 26.81
N THR B 195 -16.72 -2.00 26.79
CA THR B 195 -16.60 -0.56 26.50
C THR B 195 -17.03 -0.23 25.06
N GLY B 196 -17.34 1.04 24.81
CA GLY B 196 -17.74 1.49 23.47
C GLY B 196 -17.14 2.82 23.07
N SER B 197 -17.68 3.40 22.00
CA SER B 197 -17.32 4.74 21.55
C SER B 197 -18.54 5.38 20.92
N VAL B 198 -19.49 5.78 21.77
CA VAL B 198 -20.72 6.42 21.34
C VAL B 198 -20.46 7.83 20.83
N LEU B 199 -20.80 8.05 19.57
CA LEU B 199 -20.63 9.30 18.83
C LEU B 199 -20.79 8.95 17.36
N TRP B 200 -19.96 8.00 16.91
CA TRP B 200 -20.04 7.44 15.57
C TRP B 200 -21.07 6.32 15.55
N MET B 201 -22.17 6.51 16.28
CA MET B 201 -23.15 5.44 16.45
C MET B 201 -24.50 5.80 15.87
N ALA B 202 -24.92 5.00 14.88
CA ALA B 202 -26.24 5.16 14.28
C ALA B 202 -27.31 4.90 15.32
N PRO B 203 -28.25 5.86 15.48
CA PRO B 203 -29.32 5.79 16.47
C PRO B 203 -29.96 4.40 16.55
N GLU B 204 -30.33 3.86 15.40
CA GLU B 204 -30.89 2.51 15.27
C GLU B 204 -30.05 1.45 15.98
N VAL B 205 -28.73 1.59 15.89
CA VAL B 205 -27.78 0.65 16.49
C VAL B 205 -27.64 0.91 17.99
N ILE B 206 -27.74 2.18 18.39
CA ILE B 206 -27.65 2.57 19.80
C ILE B 206 -28.81 1.99 20.61
N ARG B 207 -30.01 1.98 20.00
CA ARG B 207 -31.20 1.39 20.60
C ARG B 207 -30.97 -0.05 20.99
N MET B 208 -30.36 -0.81 20.07
CA MET B 208 -30.28 -2.28 20.10
C MET B 208 -31.64 -2.83 19.73
N GLN B 209 -31.70 -3.59 18.64
CA GLN B 209 -32.98 -3.99 18.07
C GLN B 209 -33.19 -5.50 17.94
N ASP B 210 -32.49 -6.12 17.00
CA ASP B 210 -32.86 -7.46 16.54
C ASP B 210 -31.67 -8.35 16.17
N ASN B 211 -30.59 -8.28 16.95
CA ASN B 211 -29.37 -9.07 16.70
C ASN B 211 -28.62 -8.64 15.42
N ASN B 212 -29.30 -7.84 14.60
CA ASN B 212 -28.76 -7.34 13.34
C ASN B 212 -29.01 -5.84 13.11
N PRO B 213 -28.51 -4.98 14.03
CA PRO B 213 -28.68 -3.54 13.79
C PRO B 213 -27.62 -3.04 12.81
N PHE B 214 -26.41 -3.58 12.92
CA PHE B 214 -25.30 -3.23 12.05
C PHE B 214 -25.64 -3.58 10.60
N SER B 215 -25.52 -2.59 9.72
CA SER B 215 -25.84 -2.74 8.30
C SER B 215 -24.96 -1.82 7.48
N PHE B 216 -25.18 -1.79 6.17
CA PHE B 216 -24.42 -0.89 5.30
C PHE B 216 -24.54 0.55 5.79
N GLN B 217 -25.77 1.01 5.94
CA GLN B 217 -26.04 2.39 6.31
C GLN B 217 -25.56 2.73 7.72
N SER B 218 -25.38 1.71 8.56
CA SER B 218 -24.86 1.92 9.91
C SER B 218 -23.41 2.37 9.87
N ASP B 219 -22.70 1.96 8.83
CA ASP B 219 -21.34 2.46 8.55
C ASP B 219 -21.42 3.88 7.99
N VAL B 220 -22.39 4.11 7.10
CA VAL B 220 -22.54 5.38 6.40
C VAL B 220 -22.85 6.55 7.36
N TYR B 221 -23.59 6.28 8.43
CA TYR B 221 -23.84 7.29 9.46
C TYR B 221 -22.53 7.65 10.13
N SER B 222 -21.84 6.63 10.60
CA SER B 222 -20.56 6.81 11.28
C SER B 222 -19.59 7.56 10.37
N TYR B 223 -19.67 7.29 9.08
CA TYR B 223 -18.89 8.02 8.08
C TYR B 223 -19.35 9.48 7.99
N GLY B 224 -20.64 9.71 8.13
CA GLY B 224 -21.20 11.05 8.13
C GLY B 224 -20.65 11.89 9.27
N ILE B 225 -20.43 11.24 10.41
CA ILE B 225 -19.79 11.87 11.55
C ILE B 225 -18.37 12.33 11.19
N VAL B 226 -17.64 11.45 10.49
CA VAL B 226 -16.28 11.77 10.03
C VAL B 226 -16.29 13.01 9.14
N LEU B 227 -17.18 13.02 8.14
CA LEU B 227 -17.35 14.21 7.29
C LEU B 227 -17.58 15.45 8.14
N TYR B 228 -18.51 15.35 9.08
CA TYR B 228 -18.82 16.43 10.02
C TYR B 228 -17.57 16.87 10.77
N GLU B 229 -16.82 15.91 11.32
CA GLU B 229 -15.61 16.20 12.08
C GLU B 229 -14.64 17.06 11.28
N LEU B 230 -14.46 16.71 10.01
CA LEU B 230 -13.58 17.44 9.10
C LEU B 230 -14.12 18.85 8.86
N MET B 231 -15.44 18.94 8.70
CA MET B 231 -16.08 20.21 8.41
C MET B 231 -16.15 21.14 9.62
N THR B 232 -16.01 20.59 10.81
CA THR B 232 -16.15 21.36 12.04
C THR B 232 -14.86 21.46 12.86
N GLY B 233 -13.96 20.50 12.66
CA GLY B 233 -12.69 20.46 13.38
C GLY B 233 -12.84 20.02 14.83
N GLU B 234 -14.01 19.47 15.16
CA GLU B 234 -14.29 18.97 16.52
C GLU B 234 -15.36 17.87 16.53
N LEU B 235 -15.46 17.18 17.66
CA LEU B 235 -16.40 16.08 17.86
C LEU B 235 -17.85 16.57 17.88
N PRO B 236 -18.81 15.70 17.51
CA PRO B 236 -20.22 15.99 17.69
C PRO B 236 -20.61 16.10 19.15
N TYR B 237 -21.77 16.69 19.41
CA TYR B 237 -22.27 16.92 20.77
C TYR B 237 -21.14 17.36 21.69
N SER B 238 -20.38 18.35 21.24
CA SER B 238 -19.20 18.84 21.94
C SER B 238 -19.56 19.44 23.29
N HIS B 239 -20.27 20.56 23.26
CA HIS B 239 -20.59 21.29 24.47
C HIS B 239 -21.79 20.69 25.21
N ILE B 240 -21.52 19.53 25.81
CA ILE B 240 -22.30 18.95 26.89
C ILE B 240 -21.24 18.29 27.80
N ASN B 241 -21.54 17.13 28.38
CA ASN B 241 -20.52 16.35 29.09
C ASN B 241 -20.99 14.98 29.59
N ASN B 242 -22.23 14.62 29.30
CA ASN B 242 -22.80 13.38 29.81
C ASN B 242 -22.90 12.27 28.76
N ARG B 243 -21.87 11.43 28.71
CA ARG B 243 -21.81 10.30 27.79
C ARG B 243 -23.05 9.41 27.90
N ASP B 244 -23.46 9.13 29.13
CA ASP B 244 -24.58 8.24 29.40
C ASP B 244 -25.89 8.79 28.83
N GLN B 245 -26.04 10.11 28.86
CA GLN B 245 -27.22 10.78 28.35
C GLN B 245 -27.29 10.74 26.83
N ILE B 246 -26.15 10.99 26.18
CA ILE B 246 -26.06 10.98 24.72
C ILE B 246 -26.59 9.67 24.15
N ILE B 247 -26.20 8.57 24.80
CA ILE B 247 -26.67 7.22 24.44
C ILE B 247 -28.18 7.20 24.24
N PHE B 248 -28.91 7.65 25.27
CA PHE B 248 -30.36 7.71 25.22
C PHE B 248 -30.84 8.79 24.27
N MET B 249 -30.14 9.92 24.26
CA MET B 249 -30.55 11.11 23.53
C MET B 249 -30.69 10.88 22.02
N VAL B 250 -29.58 10.56 21.36
CA VAL B 250 -29.58 10.30 19.92
C VAL B 250 -30.29 8.99 19.64
N GLY B 251 -30.15 8.05 20.57
CA GLY B 251 -30.77 6.72 20.44
C GLY B 251 -32.27 6.71 20.66
N ARG B 252 -32.90 7.88 20.50
CA ARG B 252 -34.35 8.01 20.62
C ARG B 252 -34.86 9.11 19.67
N GLY B 253 -33.93 9.89 19.12
CA GLY B 253 -34.25 10.90 18.12
C GLY B 253 -34.25 12.32 18.62
N TYR B 254 -33.36 12.62 19.57
CA TYR B 254 -33.29 13.95 20.17
C TYR B 254 -32.05 14.74 19.77
N ALA B 255 -30.87 14.28 20.18
CA ALA B 255 -29.64 15.03 19.95
C ALA B 255 -29.07 14.83 18.55
N SER B 256 -29.74 15.41 17.56
CA SER B 256 -29.19 15.48 16.21
C SER B 256 -27.97 16.42 16.20
N PRO B 257 -26.96 16.12 15.36
CA PRO B 257 -25.74 16.93 15.35
C PRO B 257 -25.98 18.35 14.85
N ASP B 258 -25.17 19.30 15.33
CA ASP B 258 -25.31 20.70 14.97
C ASP B 258 -24.61 21.00 13.66
N LEU B 259 -25.39 21.02 12.58
CA LEU B 259 -24.88 21.33 11.23
C LEU B 259 -24.56 22.81 11.09
N SER B 260 -25.25 23.66 11.86
CA SER B 260 -25.12 25.10 11.76
C SER B 260 -23.73 25.63 12.14
N LYS B 261 -22.90 24.78 12.74
CA LYS B 261 -21.49 25.13 12.94
C LYS B 261 -20.57 24.27 12.08
N LEU B 262 -19.71 24.95 11.33
CA LEU B 262 -18.75 24.34 10.41
C LEU B 262 -17.98 25.45 9.70
N TYR B 263 -16.77 25.14 9.23
CA TYR B 263 -15.94 26.13 8.53
C TYR B 263 -16.68 26.71 7.33
N LYS B 264 -16.64 28.03 7.20
CA LYS B 264 -17.50 28.75 6.23
C LYS B 264 -17.13 28.54 4.77
N ASN B 265 -15.93 28.01 4.53
CA ASN B 265 -15.46 27.67 3.19
C ASN B 265 -15.96 26.31 2.69
N CYS B 266 -16.91 25.72 3.42
CA CYS B 266 -17.51 24.44 3.08
C CYS B 266 -18.45 24.56 1.89
N PRO B 267 -18.37 23.60 0.94
CA PRO B 267 -19.22 23.56 -0.23
C PRO B 267 -20.72 23.44 0.08
N LYS B 268 -21.54 23.94 -0.84
CA LYS B 268 -23.00 23.95 -0.70
C LYS B 268 -23.59 22.55 -0.82
N ALA B 269 -22.91 21.70 -1.59
CA ALA B 269 -23.32 20.30 -1.76
C ALA B 269 -22.65 19.38 -0.74
N MET B 270 -21.82 19.95 0.13
CA MET B 270 -21.17 19.17 1.17
C MET B 270 -22.04 19.07 2.41
N LYS B 271 -22.56 20.19 2.88
CA LYS B 271 -23.60 20.19 3.90
C LYS B 271 -24.70 19.22 3.50
N ARG B 272 -25.10 19.31 2.23
CA ARG B 272 -26.10 18.43 1.63
C ARG B 272 -25.72 16.95 1.77
N LEU B 273 -24.44 16.67 1.62
CA LEU B 273 -23.93 15.30 1.69
C LEU B 273 -23.76 14.85 3.15
N VAL B 274 -23.32 15.77 4.01
CA VAL B 274 -23.24 15.51 5.44
C VAL B 274 -24.64 15.24 5.99
N ALA B 275 -25.60 16.05 5.55
CA ALA B 275 -27.00 15.89 5.95
C ALA B 275 -27.61 14.57 5.47
N ASP B 276 -27.43 14.25 4.20
CA ASP B 276 -27.97 13.02 3.61
C ASP B 276 -27.44 11.78 4.31
N CYS B 277 -26.18 11.81 4.71
CA CYS B 277 -25.54 10.67 5.36
C CYS B 277 -25.91 10.52 6.83
N VAL B 278 -25.98 11.64 7.54
CA VAL B 278 -26.26 11.62 8.98
C VAL B 278 -27.76 11.43 9.28
N LYS B 279 -28.58 11.29 8.23
CA LYS B 279 -30.03 11.12 8.39
C LYS B 279 -30.38 10.00 9.34
N LYS B 280 -31.32 10.27 10.24
CA LYS B 280 -31.72 9.33 11.28
C LYS B 280 -32.34 8.06 10.72
N VAL B 281 -33.32 8.22 9.85
CA VAL B 281 -34.02 7.09 9.25
C VAL B 281 -33.04 6.26 8.43
N LYS B 282 -33.09 4.94 8.62
CA LYS B 282 -32.14 4.00 8.05
C LYS B 282 -32.04 4.04 6.52
N GLU B 283 -33.03 3.48 5.83
CA GLU B 283 -33.00 3.30 4.37
C GLU B 283 -32.99 4.61 3.58
N GLU B 284 -33.15 5.72 4.29
CA GLU B 284 -33.18 7.05 3.69
C GLU B 284 -31.78 7.56 3.36
N ARG B 285 -30.76 6.90 3.90
CA ARG B 285 -29.35 7.25 3.66
C ARG B 285 -28.88 6.77 2.29
N PRO B 286 -27.91 7.48 1.68
CA PRO B 286 -27.35 7.09 0.38
C PRO B 286 -26.13 6.16 0.51
N LEU B 287 -26.05 5.17 -0.38
CA LEU B 287 -24.96 4.18 -0.35
C LEU B 287 -23.66 4.71 -0.94
N PHE B 288 -22.55 4.03 -0.63
CA PHE B 288 -21.22 4.48 -1.09
C PHE B 288 -21.01 4.47 -2.61
N PRO B 289 -21.59 3.48 -3.34
CA PRO B 289 -21.55 3.54 -4.81
C PRO B 289 -22.16 4.80 -5.42
N GLN B 290 -22.51 5.77 -4.57
CA GLN B 290 -22.96 7.08 -5.02
C GLN B 290 -22.45 8.21 -4.11
N ILE B 291 -21.85 7.84 -2.97
CA ILE B 291 -21.30 8.83 -2.04
C ILE B 291 -20.09 9.53 -2.67
N LEU B 292 -19.06 8.74 -2.99
CA LEU B 292 -17.82 9.28 -3.52
C LEU B 292 -18.00 9.82 -4.93
N SER B 293 -18.93 9.22 -5.68
CA SER B 293 -19.26 9.68 -7.03
C SER B 293 -19.90 11.06 -6.99
N SER B 294 -20.64 11.34 -5.91
CA SER B 294 -21.19 12.67 -5.66
C SER B 294 -20.14 13.61 -5.08
N ILE B 295 -19.04 13.05 -4.58
CA ILE B 295 -17.95 13.84 -4.02
C ILE B 295 -16.89 14.18 -5.07
N GLU B 296 -16.51 13.19 -5.88
CA GLU B 296 -15.45 13.39 -6.89
C GLU B 296 -15.88 14.32 -8.03
N LEU B 297 -17.18 14.61 -8.11
CA LEU B 297 -17.66 15.63 -9.03
C LEU B 297 -17.59 17.03 -8.38
N LEU B 298 -17.85 17.10 -7.08
CA LEU B 298 -17.78 18.37 -6.34
C LEU B 298 -16.34 18.78 -6.05
N GLN B 299 -15.41 17.82 -6.17
CA GLN B 299 -13.99 18.12 -6.01
C GLN B 299 -13.49 18.96 -7.19
N HIS B 300 -14.18 18.85 -8.33
CA HIS B 300 -13.86 19.65 -9.51
C HIS B 300 -14.20 21.13 -9.33
N SER B 301 -15.25 21.40 -8.58
CA SER B 301 -15.85 22.74 -8.51
C SER B 301 -15.12 23.75 -7.63
N LEU B 302 -14.78 23.36 -6.41
CA LEU B 302 -14.24 24.30 -5.41
C LEU B 302 -12.82 24.87 -5.68
N PRO B 303 -11.97 24.15 -6.46
CA PRO B 303 -10.68 24.73 -6.89
C PRO B 303 -10.72 26.24 -7.21
N LYS B 304 -11.84 26.73 -7.75
CA LYS B 304 -12.09 28.16 -7.89
C LYS B 304 -13.34 28.58 -7.10
C18 SM5 C . 5.96 2.87 -18.19
N4 SM5 C . 5.19 2.10 -17.22
C14 SM5 C . 4.10 -3.21 -15.31
C13 SM5 C . 4.55 -1.95 -15.77
C12 SM5 C . 3.75 -0.80 -15.58
C17 SM5 C . 2.50 -0.89 -14.94
C16 SM5 C . 2.05 -2.15 -14.51
C15 SM5 C . 2.85 -3.29 -14.68
C11 SM5 C . 1.92 2.85 -14.46
N3 SM5 C . 4.52 2.71 -16.22
C10 SM5 C . 1.18 3.12 -13.30
C8 SM5 C . 2.69 2.02 -11.93
C22 SM5 C . 6.43 5.07 -19.30
C7 SM5 C . 3.48 1.69 -13.05
C5 SM5 C . 5.02 0.74 -17.16
C6 SM5 C . 3.11 2.11 -14.35
C1 SM5 C . 4.21 0.51 -16.06
C19 SM5 C . 7.47 2.51 -18.23
C20 SM5 C . 8.25 3.35 -19.27
C2 SM5 C . 3.94 1.78 -15.52
N9 SM5 C . 1.56 2.73 -12.05
N21 SM5 C . 7.88 4.79 -19.22
C23 SM5 C . 5.69 4.39 -18.13
C24 SM5 C . 0.75 -2.43 -13.82
C25 SM5 C . 0.84 -3.97 -13.58
C26 SM5 C . 2.19 -4.47 -14.14
N27 SM5 C . 2.66 -5.68 -14.16
O28 SM5 C . 1.71 -6.54 -13.58
C18 SM5 D . -2.33 5.26 18.12
N4 SM5 D . -2.27 4.22 17.09
C14 SM5 D . -4.30 -0.99 16.05
C13 SM5 D . -3.90 0.32 16.37
C12 SM5 D . -2.93 0.99 15.57
C17 SM5 D . -2.36 0.34 14.46
C16 SM5 D . -2.77 -0.97 14.15
C15 SM5 D . -3.73 -1.62 14.93
C11 SM5 D . -0.13 4.09 13.44
N3 SM5 D . -1.62 4.40 15.92
C10 SM5 D . 0.40 3.94 12.14
C8 SM5 D . -1.01 2.13 11.68
C22 SM5 D . -1.71 7.50 18.95
C7 SM5 D . -1.59 2.21 12.96
C5 SM5 D . -2.84 2.98 17.14
C6 SM5 D . -1.14 3.20 13.87
C1 SM5 D . -2.51 2.35 15.94
C19 SM5 D . -3.53 5.17 19.10
C20 SM5 D . -3.34 6.13 20.29
C2 SM5 D . -1.74 3.30 15.22
N9 SM5 D . -0.04 2.99 11.28
N21 SM5 D . -2.87 7.49 19.88
C23 SM5 D . -2.01 6.70 17.68
C24 SM5 D . -2.28 -1.80 13.01
C25 SM5 D . -3.10 -3.12 13.21
C26 SM5 D . -4.01 -2.95 14.44
N27 SM5 D . -4.86 -3.76 14.99
O28 SM5 D . -4.91 -5.00 14.29
#